data_7W41
#
_entry.id   7W41
#
_cell.length_a   134.104
_cell.length_b   60.025
_cell.length_c   98.489
_cell.angle_alpha   90.000
_cell.angle_beta   113.573
_cell.angle_gamma   90.000
#
_symmetry.space_group_name_H-M   'C 1 2 1'
#
loop_
_entity.id
_entity.type
_entity.pdbx_description
1 polymer 'Gastrin-releasing peptide receptor,GlgA glycogen synthase'
2 non-polymer (2S)-3-(1H-indol-3-yl)-N-[[1-(5-methoxypyridin-2-yl)cyclohexyl]methyl]-2-methyl-2-[(4-nitrophenyl)carbamoylamino]propanamide
#
_entity_poly.entity_id   1
_entity_poly.type   'polypeptide(L)'
_entity_poly.pdbx_seq_one_letter_code
;GILYVIPAVYGVIILIGLIGNITLIKIFCTVKSMRNVPNLFISSLALGDLLLLITCAPVDASRYLADRWLFGRIGCKLIP
FIQLTSVGVKVFTLTALSADRYKAIVRPMDIQASHALMKACLKAAFIWIISMLLAIPEAVFSDLHPFHEESTNQTFISCA
PYPHSNELHPKIHSMASFLVFYVIPLSIISVYYYFIAKNLIQSAGIDCSFWNESYLTGSRDERKKSLLSKFGMDEGVTFM
FIGRFDRGQKGVDVLLKAIEILSSKKEFQEMRFIIIGKGDPELEGWARSLEEKHGNVKVITEMLSREFVRELYGSVDFVI
IPSYFEPFGLVALEAMCLGAIPIASAVGGLRDIITNETGILVKAGDPGELANAILKALELSRSDLSKFRENCKKRAMSFS
KQIESEKRLAKTVLVFVGLFAFCWLPNHVIYLYRSYHYSEVDTSMLHFVTSICARLLAFTNSCVNPFALYLLSKSFRKQF
NTQL
;
_entity_poly.pdbx_strand_id   A
#
# COMPACT_ATOMS: atom_id res chain seq x y z
N GLY A 1 -37.90 2.29 -30.58
CA GLY A 1 -37.90 3.72 -30.22
C GLY A 1 -37.04 3.99 -28.98
N ILE A 2 -37.56 3.67 -27.80
CA ILE A 2 -36.74 3.80 -26.56
C ILE A 2 -35.66 2.73 -26.65
N LEU A 3 -35.82 1.76 -27.55
CA LEU A 3 -34.79 0.72 -27.76
C LEU A 3 -33.50 1.37 -28.28
N TYR A 4 -33.59 2.31 -29.21
CA TYR A 4 -32.38 2.97 -29.79
C TYR A 4 -31.72 3.82 -28.71
N VAL A 5 -32.40 4.03 -27.59
CA VAL A 5 -31.79 4.70 -26.41
C VAL A 5 -30.98 3.70 -25.56
N ILE A 6 -31.43 2.44 -25.44
CA ILE A 6 -30.76 1.48 -24.51
C ILE A 6 -29.28 1.21 -24.85
N PRO A 7 -28.85 0.97 -26.11
CA PRO A 7 -27.44 0.72 -26.37
C PRO A 7 -26.54 1.94 -26.17
N ALA A 8 -27.05 3.14 -26.46
CA ALA A 8 -26.22 4.36 -26.37
C ALA A 8 -25.49 4.40 -25.02
N VAL A 9 -26.18 4.04 -23.94
CA VAL A 9 -25.52 4.01 -22.61
C VAL A 9 -24.34 3.05 -22.65
N TYR A 10 -24.46 1.93 -23.38
CA TYR A 10 -23.40 0.91 -23.37
C TYR A 10 -22.17 1.54 -24.01
N GLY A 11 -22.39 2.23 -25.13
CA GLY A 11 -21.27 2.86 -25.85
C GLY A 11 -20.61 3.89 -24.98
N VAL A 12 -21.40 4.67 -24.25
CA VAL A 12 -20.84 5.72 -23.35
C VAL A 12 -19.85 5.05 -22.41
N ILE A 13 -20.29 4.02 -21.69
CA ILE A 13 -19.39 3.36 -20.71
C ILE A 13 -18.21 2.70 -21.43
N ILE A 14 -18.44 2.07 -22.58
CA ILE A 14 -17.34 1.35 -23.29
C ILE A 14 -16.26 2.36 -23.64
N LEU A 15 -16.67 3.52 -24.16
CA LEU A 15 -15.69 4.56 -24.58
C LEU A 15 -14.92 5.04 -23.35
N ILE A 16 -15.63 5.21 -22.24
CA ILE A 16 -14.96 5.74 -21.02
C ILE A 16 -13.86 4.77 -20.62
N GLY A 17 -14.16 3.47 -20.66
CA GLY A 17 -13.14 2.47 -20.33
C GLY A 17 -12.02 2.50 -21.34
N LEU A 18 -12.36 2.57 -22.63
CA LEU A 18 -11.31 2.51 -23.65
C LEU A 18 -10.42 3.74 -23.49
N ILE A 19 -11.04 4.91 -23.30
CA ILE A 19 -10.25 6.16 -23.21
C ILE A 19 -9.39 6.05 -21.94
N GLY A 20 -9.99 5.61 -20.85
CA GLY A 20 -9.26 5.55 -19.60
C GLY A 20 -8.11 4.60 -19.56
N ASN A 21 -8.31 3.40 -20.05
CA ASN A 21 -7.26 2.43 -19.97
C ASN A 21 -6.17 2.82 -20.90
N ILE A 22 -6.53 3.30 -22.08
CA ILE A 22 -5.53 3.73 -23.04
C ILE A 22 -4.74 4.91 -22.49
N THR A 23 -5.43 5.85 -21.88
CA THR A 23 -4.75 7.03 -21.37
C THR A 23 -3.80 6.58 -20.28
N LEU A 24 -4.19 5.57 -19.52
CA LEU A 24 -3.33 5.08 -18.47
C LEU A 24 -2.08 4.46 -19.04
N ILE A 25 -2.23 3.62 -20.06
CA ILE A 25 -1.06 2.94 -20.66
C ILE A 25 -0.17 4.01 -21.29
N LYS A 26 -0.78 4.99 -21.95
CA LYS A 26 0.01 6.04 -22.65
C LYS A 26 0.84 6.79 -21.60
N ILE A 27 0.21 7.14 -20.49
CA ILE A 27 0.92 7.91 -19.44
C ILE A 27 2.05 7.02 -18.92
N PHE A 28 1.82 5.73 -18.75
CA PHE A 28 2.91 4.91 -18.17
C PHE A 28 4.10 4.96 -19.13
N CYS A 29 3.83 4.76 -20.42
CA CYS A 29 4.94 4.72 -21.41
C CYS A 29 5.59 6.11 -21.54
N THR A 30 4.77 7.15 -21.68
CA THR A 30 5.30 8.52 -21.91
C THR A 30 5.98 9.14 -20.68
N VAL A 31 5.40 9.01 -19.48
CA VAL A 31 5.94 9.72 -18.29
C VAL A 31 6.98 8.89 -17.54
N LYS A 32 8.23 9.37 -17.47
CA LYS A 32 9.30 8.68 -16.71
C LYS A 32 9.02 8.69 -15.21
N SER A 33 8.52 9.80 -14.68
CA SER A 33 8.32 9.92 -13.20
C SER A 33 7.36 8.84 -12.71
N MET A 34 6.47 8.38 -13.57
CA MET A 34 5.44 7.37 -13.17
C MET A 34 5.89 5.95 -13.54
N ARG A 35 7.10 5.80 -14.06
CA ARG A 35 7.52 4.43 -14.50
C ARG A 35 8.06 3.70 -13.28
N ASN A 36 7.35 2.65 -12.85
CA ASN A 36 7.75 1.91 -11.64
C ASN A 36 7.13 0.51 -11.71
N VAL A 37 7.56 -0.39 -10.83
CA VAL A 37 7.04 -1.78 -10.85
C VAL A 37 5.53 -1.80 -10.62
N PRO A 38 4.94 -1.06 -9.67
CA PRO A 38 3.49 -1.12 -9.50
C PRO A 38 2.76 -0.66 -10.76
N ASN A 39 3.21 0.42 -11.38
CA ASN A 39 2.55 0.97 -12.59
C ASN A 39 2.66 0.01 -13.77
N LEU A 40 3.77 -0.72 -13.90
CA LEU A 40 3.93 -1.70 -15.01
C LEU A 40 2.86 -2.77 -14.89
N PHE A 41 2.60 -3.22 -13.67
CA PHE A 41 1.55 -4.25 -13.46
C PHE A 41 0.18 -3.64 -13.72
N ILE A 42 -0.03 -2.39 -13.31
CA ILE A 42 -1.34 -1.72 -13.51
C ILE A 42 -1.58 -1.58 -15.01
N SER A 43 -0.53 -1.26 -15.77
CA SER A 43 -0.67 -1.16 -17.25
C SER A 43 -0.97 -2.54 -17.80
N SER A 44 -0.31 -3.57 -17.28
CA SER A 44 -0.61 -4.94 -17.68
C SER A 44 -2.11 -5.15 -17.58
N LEU A 45 -2.68 -4.73 -16.43
CA LEU A 45 -4.14 -4.85 -16.20
C LEU A 45 -4.89 -4.07 -17.28
N ALA A 46 -4.51 -2.80 -17.46
CA ALA A 46 -5.19 -1.92 -18.39
C ALA A 46 -5.22 -2.56 -19.78
N LEU A 47 -4.12 -3.23 -20.16
CA LEU A 47 -4.06 -3.88 -21.45
C LEU A 47 -5.11 -5.00 -21.48
N GLY A 48 -5.12 -5.84 -20.44
CA GLY A 48 -6.08 -6.95 -20.33
C GLY A 48 -7.55 -6.52 -20.32
N ASP A 49 -7.81 -5.29 -19.86
CA ASP A 49 -9.17 -4.77 -19.72
C ASP A 49 -9.65 -4.31 -21.10
N LEU A 50 -8.79 -3.64 -21.85
CA LEU A 50 -9.14 -3.19 -23.18
C LEU A 50 -9.53 -4.36 -24.02
N LEU A 51 -8.80 -5.45 -23.88
CA LEU A 51 -9.07 -6.60 -24.69
C LEU A 51 -10.45 -7.09 -24.36
N LEU A 52 -10.81 -7.05 -23.10
CA LEU A 52 -12.10 -7.55 -22.69
C LEU A 52 -13.17 -6.63 -23.18
N LEU A 53 -12.99 -5.34 -22.99
CA LEU A 53 -13.96 -4.42 -23.50
C LEU A 53 -14.18 -4.73 -25.00
N ILE A 54 -13.07 -4.81 -25.77
CA ILE A 54 -13.03 -4.96 -27.27
C ILE A 54 -13.65 -6.29 -27.73
N THR A 55 -13.38 -7.39 -27.02
CA THR A 55 -13.98 -8.67 -27.36
C THR A 55 -15.48 -8.67 -27.04
N CYS A 56 -15.85 -8.13 -25.90
CA CYS A 56 -17.24 -8.20 -25.48
C CYS A 56 -18.13 -7.26 -26.24
N ALA A 57 -17.57 -6.20 -26.80
CA ALA A 57 -18.45 -5.25 -27.45
C ALA A 57 -19.22 -5.84 -28.63
N PRO A 58 -18.55 -6.59 -29.51
CA PRO A 58 -19.35 -7.15 -30.58
C PRO A 58 -20.23 -8.27 -30.11
N VAL A 59 -19.84 -8.94 -29.05
CA VAL A 59 -20.63 -10.07 -28.52
C VAL A 59 -21.99 -9.54 -28.02
N ASP A 60 -21.94 -8.42 -27.28
CA ASP A 60 -23.08 -7.85 -26.55
C ASP A 60 -23.99 -7.10 -27.53
N ALA A 61 -23.35 -6.25 -28.35
CA ALA A 61 -24.01 -5.61 -29.48
C ALA A 61 -24.79 -6.65 -30.30
N SER A 62 -24.21 -7.82 -30.50
CA SER A 62 -24.83 -8.86 -31.31
C SER A 62 -26.05 -9.43 -30.56
N ARG A 63 -25.89 -9.79 -29.29
CA ARG A 63 -27.01 -10.43 -28.56
C ARG A 63 -28.22 -9.50 -28.61
N TYR A 64 -27.99 -8.20 -28.44
CA TYR A 64 -29.10 -7.21 -28.44
C TYR A 64 -29.76 -7.16 -29.80
N LEU A 65 -28.97 -7.20 -30.88
CA LEU A 65 -29.56 -7.03 -32.23
C LEU A 65 -30.08 -8.34 -32.79
N ALA A 66 -29.25 -9.38 -32.88
CA ALA A 66 -29.70 -10.63 -33.55
C ALA A 66 -29.75 -11.80 -32.58
N ASP A 67 -30.21 -12.96 -33.08
CA ASP A 67 -30.29 -14.18 -32.23
C ASP A 67 -29.27 -15.21 -32.70
N ARG A 68 -28.52 -14.92 -33.77
CA ARG A 68 -27.62 -15.95 -34.32
C ARG A 68 -26.15 -15.53 -34.18
N TRP A 69 -25.24 -16.50 -34.24
CA TRP A 69 -23.79 -16.18 -34.22
C TRP A 69 -23.41 -15.56 -35.56
N LEU A 70 -22.84 -14.36 -35.52
CA LEU A 70 -22.46 -13.63 -36.76
C LEU A 70 -20.94 -13.58 -37.05
N PHE A 71 -20.13 -14.33 -36.31
CA PHE A 71 -18.70 -14.18 -36.50
C PHE A 71 -17.97 -15.41 -37.00
N GLY A 72 -18.65 -16.55 -36.98
CA GLY A 72 -18.04 -17.75 -37.50
C GLY A 72 -17.17 -18.51 -36.52
N ARG A 73 -16.63 -19.64 -36.95
CA ARG A 73 -15.84 -20.46 -36.05
C ARG A 73 -14.70 -19.70 -35.47
N ILE A 74 -14.03 -18.93 -36.30
CA ILE A 74 -12.89 -18.21 -35.83
C ILE A 74 -13.37 -17.37 -34.69
N GLY A 75 -14.49 -16.67 -34.86
CA GLY A 75 -15.04 -15.87 -33.76
C GLY A 75 -15.46 -16.72 -32.58
N CYS A 76 -16.07 -17.87 -32.84
CA CYS A 76 -16.61 -18.74 -31.77
C CYS A 76 -15.47 -19.24 -30.90
N LYS A 77 -14.25 -19.28 -31.43
CA LYS A 77 -13.12 -19.88 -30.69
C LYS A 77 -12.14 -18.82 -30.18
N LEU A 78 -11.92 -17.73 -30.92
CA LEU A 78 -10.92 -16.78 -30.48
C LEU A 78 -11.50 -15.99 -29.35
N ILE A 79 -12.77 -15.67 -29.43
CA ILE A 79 -13.33 -14.83 -28.40
C ILE A 79 -13.28 -15.46 -27.03
N PRO A 80 -13.70 -16.73 -26.81
CA PRO A 80 -13.54 -17.34 -25.50
C PRO A 80 -12.07 -17.35 -25.05
N PHE A 81 -11.15 -17.62 -25.98
CA PHE A 81 -9.72 -17.67 -25.64
C PHE A 81 -9.25 -16.28 -25.18
N ILE A 82 -9.62 -15.24 -25.91
CA ILE A 82 -9.11 -13.89 -25.56
C ILE A 82 -9.81 -13.49 -24.27
N GLN A 83 -11.11 -13.71 -24.21
CA GLN A 83 -11.84 -13.40 -23.00
C GLN A 83 -11.14 -14.02 -21.78
N LEU A 84 -10.66 -15.27 -21.89
CA LEU A 84 -10.22 -15.98 -20.69
C LEU A 84 -8.77 -15.61 -20.37
N THR A 85 -8.05 -15.18 -21.40
CA THR A 85 -6.72 -14.67 -21.19
C THR A 85 -6.81 -13.46 -20.27
N SER A 86 -7.79 -12.59 -20.54
CA SER A 86 -8.02 -11.38 -19.79
C SER A 86 -8.25 -11.73 -18.33
N VAL A 87 -8.96 -12.82 -18.06
CA VAL A 87 -9.43 -13.04 -16.70
C VAL A 87 -8.25 -13.43 -15.80
N GLY A 88 -7.22 -14.06 -16.38
CA GLY A 88 -6.03 -14.45 -15.60
C GLY A 88 -5.11 -13.26 -15.36
N VAL A 89 -4.85 -12.51 -16.41
CA VAL A 89 -4.02 -11.36 -16.27
C VAL A 89 -4.64 -10.51 -15.20
N LYS A 90 -5.96 -10.38 -15.23
CA LYS A 90 -6.62 -9.48 -14.26
C LYS A 90 -6.27 -9.95 -12.85
N VAL A 91 -6.72 -11.14 -12.49
CA VAL A 91 -6.51 -11.64 -11.10
C VAL A 91 -5.03 -11.91 -10.80
N PHE A 92 -4.29 -12.52 -11.73
CA PHE A 92 -2.88 -12.89 -11.40
C PHE A 92 -2.03 -11.63 -11.19
N THR A 93 -2.23 -10.63 -12.04
CA THR A 93 -1.45 -9.37 -11.92
C THR A 93 -1.84 -8.65 -10.62
N LEU A 94 -3.10 -8.73 -10.22
CA LEU A 94 -3.51 -8.13 -8.92
C LEU A 94 -2.75 -8.85 -7.81
N THR A 95 -2.59 -10.16 -7.93
CA THR A 95 -1.82 -10.93 -6.92
C THR A 95 -0.37 -10.43 -6.95
N ALA A 96 0.17 -10.18 -8.15
CA ALA A 96 1.55 -9.70 -8.30
C ALA A 96 1.71 -8.32 -7.67
N LEU A 97 0.71 -7.45 -7.85
CA LEU A 97 0.75 -6.10 -7.23
C LEU A 97 0.74 -6.25 -5.72
N SER A 98 -0.06 -7.18 -5.21
CA SER A 98 -0.16 -7.42 -3.74
C SER A 98 1.19 -7.91 -3.23
N ALA A 99 1.85 -8.76 -4.01
CA ALA A 99 3.20 -9.23 -3.63
C ALA A 99 4.15 -8.05 -3.61
N ASP A 100 4.01 -7.14 -4.58
CA ASP A 100 4.93 -5.96 -4.66
C ASP A 100 4.75 -5.14 -3.40
N ARG A 101 3.51 -4.96 -2.96
CA ARG A 101 3.25 -4.12 -1.76
C ARG A 101 3.92 -4.80 -0.57
N TYR A 102 3.83 -6.13 -0.49
CA TYR A 102 4.40 -6.86 0.67
C TYR A 102 5.91 -6.67 0.69
N LYS A 103 6.53 -6.80 -0.47
CA LYS A 103 8.01 -6.64 -0.53
C LYS A 103 8.35 -5.20 -0.16
N ALA A 104 7.62 -4.24 -0.69
CA ALA A 104 7.98 -2.83 -0.46
C ALA A 104 7.89 -2.48 1.02
N ILE A 105 6.85 -2.97 1.70
CA ILE A 105 6.64 -2.53 3.10
C ILE A 105 7.21 -3.56 4.09
N VAL A 106 6.78 -4.82 3.98
CA VAL A 106 7.22 -5.83 4.98
C VAL A 106 8.71 -6.12 4.88
N ARG A 107 9.20 -6.35 3.66
CA ARG A 107 10.63 -6.75 3.48
C ARG A 107 11.32 -5.79 2.50
N PRO A 108 11.57 -4.49 2.81
CA PRO A 108 12.12 -3.61 1.81
C PRO A 108 13.52 -4.15 1.51
N MET A 109 13.80 -4.44 0.24
CA MET A 109 15.15 -4.87 -0.17
C MET A 109 15.68 -3.75 -1.05
N ASP A 110 15.53 -3.87 -2.38
CA ASP A 110 15.88 -2.75 -3.30
C ASP A 110 17.36 -2.36 -3.19
N ILE A 111 18.26 -3.30 -2.88
CA ILE A 111 19.71 -2.97 -2.86
C ILE A 111 20.13 -2.57 -4.28
N GLN A 112 19.67 -3.33 -5.28
CA GLN A 112 19.95 -3.02 -6.69
C GLN A 112 18.61 -3.01 -7.43
N ALA A 113 17.93 -1.86 -7.45
CA ALA A 113 16.60 -1.77 -8.08
C ALA A 113 16.83 -1.78 -9.59
N SER A 114 18.07 -2.09 -10.00
CA SER A 114 18.43 -2.08 -11.43
C SER A 114 17.61 -3.09 -12.22
N HIS A 115 17.44 -4.29 -11.69
CA HIS A 115 16.74 -5.36 -12.45
C HIS A 115 15.29 -5.46 -12.00
N ALA A 116 14.82 -4.57 -11.13
CA ALA A 116 13.45 -4.71 -10.60
C ALA A 116 12.42 -4.56 -11.71
N LEU A 117 12.55 -3.55 -12.57
CA LEU A 117 11.62 -3.41 -13.72
C LEU A 117 11.87 -4.56 -14.69
N MET A 118 13.12 -4.99 -14.80
CA MET A 118 13.46 -6.14 -15.68
C MET A 118 12.73 -7.38 -15.16
N LYS A 119 12.76 -7.60 -13.85
CA LYS A 119 12.09 -8.78 -13.25
C LYS A 119 10.58 -8.65 -13.43
N ALA A 120 10.05 -7.44 -13.24
CA ALA A 120 8.59 -7.22 -13.33
C ALA A 120 8.10 -7.53 -14.74
N CYS A 121 8.86 -7.13 -15.75
CA CYS A 121 8.38 -7.34 -17.13
C CYS A 121 8.21 -8.83 -17.35
N LEU A 122 9.16 -9.62 -16.86
CA LEU A 122 9.09 -11.09 -17.04
C LEU A 122 7.89 -11.67 -16.30
N LYS A 123 7.62 -11.19 -15.08
CA LYS A 123 6.50 -11.78 -14.32
C LYS A 123 5.22 -11.51 -15.09
N ALA A 124 5.05 -10.29 -15.59
CA ALA A 124 3.83 -9.95 -16.34
C ALA A 124 3.80 -10.78 -17.60
N ALA A 125 4.95 -10.91 -18.27
CA ALA A 125 5.00 -11.68 -19.52
C ALA A 125 4.54 -13.10 -19.24
N PHE A 126 5.13 -13.73 -18.22
CA PHE A 126 4.79 -15.14 -17.92
C PHE A 126 3.29 -15.22 -17.64
N ILE A 127 2.75 -14.23 -16.93
CA ILE A 127 1.31 -14.26 -16.56
C ILE A 127 0.49 -14.24 -17.85
N TRP A 128 0.88 -13.41 -18.82
CA TRP A 128 0.16 -13.41 -20.10
C TRP A 128 0.28 -14.79 -20.74
N ILE A 129 1.47 -15.37 -20.72
CA ILE A 129 1.68 -16.68 -21.39
C ILE A 129 0.84 -17.74 -20.67
N ILE A 130 0.88 -17.77 -19.34
CA ILE A 130 0.14 -18.82 -18.58
C ILE A 130 -1.36 -18.61 -18.80
N SER A 131 -1.80 -17.35 -18.82
CA SER A 131 -3.23 -17.05 -19.02
C SER A 131 -3.66 -17.56 -20.40
N MET A 132 -2.81 -17.38 -21.40
CA MET A 132 -3.11 -17.91 -22.75
C MET A 132 -3.14 -19.44 -22.71
N LEU A 133 -2.18 -20.05 -22.03
CA LEU A 133 -2.10 -21.53 -22.00
C LEU A 133 -3.34 -22.11 -21.31
N LEU A 134 -3.79 -21.47 -20.24
CA LEU A 134 -5.03 -21.92 -19.54
C LEU A 134 -6.26 -21.69 -20.42
N ALA A 135 -6.23 -20.68 -21.30
CA ALA A 135 -7.39 -20.34 -22.14
C ALA A 135 -7.43 -21.16 -23.43
N ILE A 136 -6.38 -21.94 -23.70
CA ILE A 136 -6.33 -22.75 -24.96
C ILE A 136 -7.51 -23.71 -25.00
N PRO A 137 -7.92 -24.36 -23.89
CA PRO A 137 -9.10 -25.20 -23.91
C PRO A 137 -10.37 -24.50 -24.41
N GLU A 138 -10.55 -23.22 -24.12
CA GLU A 138 -11.82 -22.54 -24.48
C GLU A 138 -12.03 -22.59 -25.99
N ALA A 139 -10.97 -22.39 -26.77
CA ALA A 139 -11.08 -22.48 -28.25
C ALA A 139 -11.46 -23.90 -28.67
N VAL A 140 -10.84 -24.91 -28.06
CA VAL A 140 -11.12 -26.31 -28.50
C VAL A 140 -12.58 -26.64 -28.22
N PHE A 141 -13.06 -26.32 -27.02
CA PHE A 141 -14.44 -26.69 -26.64
C PHE A 141 -15.47 -25.94 -27.48
N SER A 142 -15.25 -24.64 -27.69
CA SER A 142 -16.29 -23.84 -28.38
C SER A 142 -16.33 -24.16 -29.87
N ASP A 143 -17.51 -24.41 -30.41
CA ASP A 143 -17.66 -24.64 -31.88
C ASP A 143 -19.09 -24.29 -32.27
N LEU A 144 -19.32 -24.11 -33.56
CA LEU A 144 -20.68 -23.73 -34.03
C LEU A 144 -21.58 -24.96 -34.06
N HIS A 145 -22.75 -24.87 -33.44
CA HIS A 145 -23.73 -25.98 -33.48
C HIS A 145 -25.09 -25.37 -33.81
N PRO A 146 -25.92 -26.00 -34.66
CA PRO A 146 -27.25 -25.49 -34.92
C PRO A 146 -28.12 -25.51 -33.66
N PHE A 147 -28.92 -24.46 -33.44
CA PHE A 147 -29.75 -24.36 -32.22
C PHE A 147 -31.22 -24.12 -32.58
N HIS A 148 -32.14 -24.83 -31.94
CA HIS A 148 -33.59 -24.55 -32.18
C HIS A 148 -34.15 -23.79 -30.98
N GLU A 149 -34.74 -22.62 -31.22
CA GLU A 149 -35.30 -21.81 -30.13
C GLU A 149 -36.74 -22.24 -29.89
N GLU A 150 -37.15 -22.43 -28.63
CA GLU A 150 -38.58 -22.71 -28.37
C GLU A 150 -39.39 -21.47 -28.73
N SER A 151 -38.86 -20.27 -28.45
CA SER A 151 -39.62 -19.01 -28.67
C SER A 151 -39.97 -18.87 -30.15
N THR A 152 -39.03 -19.18 -31.04
CA THR A 152 -39.34 -19.18 -32.49
C THR A 152 -38.95 -20.55 -33.02
N ASN A 153 -39.85 -21.26 -33.70
CA ASN A 153 -39.51 -22.64 -34.13
C ASN A 153 -38.59 -22.45 -35.34
N GLN A 154 -37.36 -22.04 -35.07
CA GLN A 154 -36.41 -21.74 -36.16
C GLN A 154 -35.03 -22.24 -35.71
N THR A 155 -34.17 -22.56 -36.66
CA THR A 155 -32.80 -23.02 -36.32
C THR A 155 -31.81 -21.90 -36.70
N PHE A 156 -30.88 -21.58 -35.81
CA PHE A 156 -29.91 -20.48 -36.05
C PHE A 156 -28.50 -21.00 -35.79
N ILE A 157 -27.49 -20.35 -36.38
CA ILE A 157 -26.07 -20.73 -36.12
C ILE A 157 -25.75 -20.33 -34.69
N SER A 158 -25.12 -21.22 -33.91
CA SER A 158 -24.88 -20.91 -32.47
C SER A 158 -23.47 -21.32 -32.05
N CYS A 159 -22.77 -20.45 -31.32
CA CYS A 159 -21.46 -20.84 -30.76
C CYS A 159 -21.78 -21.58 -29.46
N ALA A 160 -21.43 -22.87 -29.38
CA ALA A 160 -21.80 -23.66 -28.20
C ALA A 160 -20.57 -24.35 -27.59
N PRO A 161 -20.07 -23.98 -26.38
CA PRO A 161 -18.94 -24.70 -25.83
C PRO A 161 -19.42 -25.86 -24.95
N TYR A 162 -20.74 -26.03 -24.86
CA TYR A 162 -21.27 -27.06 -23.94
C TYR A 162 -21.68 -28.31 -24.70
N PRO A 163 -21.05 -29.47 -24.46
CA PRO A 163 -21.48 -30.71 -25.07
C PRO A 163 -22.80 -31.09 -24.40
N HIS A 164 -23.72 -31.75 -25.12
CA HIS A 164 -24.96 -32.23 -24.45
C HIS A 164 -24.71 -33.64 -23.91
N SER A 165 -23.99 -34.47 -24.68
CA SER A 165 -23.72 -35.88 -24.29
C SER A 165 -22.77 -36.05 -23.09
N ASN A 166 -21.69 -35.26 -22.99
CA ASN A 166 -20.69 -35.48 -21.91
C ASN A 166 -20.93 -34.54 -20.73
N GLU A 167 -21.08 -35.09 -19.52
CA GLU A 167 -21.43 -34.24 -18.34
C GLU A 167 -20.26 -34.10 -17.37
N LEU A 168 -19.31 -35.04 -17.35
CA LEU A 168 -18.22 -34.98 -16.33
C LEU A 168 -17.30 -33.77 -16.52
N HIS A 169 -16.88 -33.50 -17.75
CA HIS A 169 -15.86 -32.43 -17.94
C HIS A 169 -16.36 -31.04 -17.53
N PRO A 170 -17.60 -30.61 -17.80
CA PRO A 170 -18.02 -29.30 -17.37
C PRO A 170 -17.87 -29.18 -15.85
N LYS A 171 -18.20 -30.24 -15.11
CA LYS A 171 -18.11 -30.19 -13.63
C LYS A 171 -16.67 -29.90 -13.21
N ILE A 172 -15.70 -30.46 -13.94
CA ILE A 172 -14.25 -30.27 -13.58
C ILE A 172 -13.85 -28.83 -13.93
N HIS A 173 -14.23 -28.37 -15.12
CA HIS A 173 -13.80 -27.01 -15.57
C HIS A 173 -14.42 -25.95 -14.66
N SER A 174 -15.68 -26.13 -14.30
CA SER A 174 -16.33 -25.06 -13.51
C SER A 174 -15.62 -24.90 -12.18
N MET A 175 -15.35 -26.01 -11.48
CA MET A 175 -14.77 -25.89 -10.12
C MET A 175 -13.38 -25.28 -10.25
N ALA A 176 -12.63 -25.73 -11.24
CA ALA A 176 -11.25 -25.24 -11.40
C ALA A 176 -11.30 -23.73 -11.64
N SER A 177 -12.25 -23.27 -12.45
CA SER A 177 -12.28 -21.82 -12.79
C SER A 177 -12.48 -21.01 -11.51
N PHE A 178 -13.36 -21.49 -10.64
CA PHE A 178 -13.62 -20.76 -9.37
C PHE A 178 -12.33 -20.75 -8.54
N LEU A 179 -11.68 -21.90 -8.43
CA LEU A 179 -10.46 -21.95 -7.58
C LEU A 179 -9.28 -21.23 -8.26
N VAL A 180 -9.01 -21.53 -9.53
CA VAL A 180 -7.80 -20.97 -10.21
C VAL A 180 -7.91 -19.46 -10.39
N PHE A 181 -9.08 -18.96 -10.76
CA PHE A 181 -9.19 -17.52 -11.06
C PHE A 181 -9.87 -16.75 -9.94
N TYR A 182 -10.22 -17.39 -8.82
CA TYR A 182 -10.83 -16.59 -7.73
C TYR A 182 -10.30 -17.00 -6.35
N VAL A 183 -10.60 -18.21 -5.92
CA VAL A 183 -10.25 -18.59 -4.52
C VAL A 183 -8.75 -18.59 -4.27
N ILE A 184 -7.96 -19.24 -5.11
CA ILE A 184 -6.51 -19.32 -4.77
C ILE A 184 -5.89 -17.91 -4.82
N PRO A 185 -6.11 -17.08 -5.87
CA PRO A 185 -5.47 -15.78 -5.92
C PRO A 185 -5.88 -14.86 -4.77
N LEU A 186 -7.17 -14.80 -4.46
CA LEU A 186 -7.66 -13.90 -3.39
C LEU A 186 -7.09 -14.35 -2.04
N SER A 187 -6.98 -15.66 -1.84
CA SER A 187 -6.41 -16.19 -0.57
C SER A 187 -4.96 -15.76 -0.43
N ILE A 188 -4.18 -15.84 -1.51
CA ILE A 188 -2.76 -15.41 -1.47
C ILE A 188 -2.73 -13.92 -1.15
N ILE A 189 -3.62 -13.16 -1.77
CA ILE A 189 -3.63 -11.68 -1.56
C ILE A 189 -3.92 -11.42 -0.09
N SER A 190 -4.81 -12.20 0.51
CA SER A 190 -5.23 -11.93 1.93
C SER A 190 -4.09 -12.28 2.91
N VAL A 191 -3.32 -13.29 2.59
CA VAL A 191 -2.18 -13.60 3.42
C VAL A 191 -1.24 -12.45 3.33
N TYR A 192 -1.00 -11.95 2.13
CA TYR A 192 -0.03 -10.89 1.98
C TYR A 192 -0.45 -9.68 2.76
N TYR A 193 -1.70 -9.30 2.62
CA TYR A 193 -2.17 -8.10 3.28
C TYR A 193 -2.31 -8.26 4.76
N TYR A 194 -2.30 -9.48 5.26
CA TYR A 194 -2.35 -9.69 6.70
C TYR A 194 -1.11 -9.10 7.31
N PHE A 195 0.00 -9.33 6.66
CA PHE A 195 1.24 -8.84 7.18
C PHE A 195 1.41 -7.40 6.80
N ILE A 196 0.89 -7.04 5.65
CA ILE A 196 0.96 -5.66 5.24
C ILE A 196 0.24 -4.80 6.27
N ALA A 197 -0.94 -5.27 6.70
CA ALA A 197 -1.80 -4.57 7.66
C ALA A 197 -1.06 -4.51 9.01
N LYS A 198 -0.36 -5.60 9.33
CA LYS A 198 0.55 -5.76 10.49
C LYS A 198 1.56 -4.59 10.55
N ASN A 199 2.24 -4.30 9.44
CA ASN A 199 3.29 -3.28 9.41
C ASN A 199 2.73 -1.89 9.21
N LEU A 200 1.54 -1.77 8.62
CA LEU A 200 0.94 -0.47 8.39
C LEU A 200 0.75 0.24 9.73
N ILE A 201 0.58 -0.59 10.78
CA ILE A 201 0.25 -0.24 12.17
C ILE A 201 1.43 0.41 12.92
N GLN A 202 2.61 -0.23 12.90
CA GLN A 202 3.85 0.38 13.43
C GLN A 202 4.05 1.78 12.84
N SER A 203 3.57 1.96 11.60
CA SER A 203 3.85 3.13 10.81
C SER A 203 2.85 4.24 11.11
N ALA A 204 1.71 3.89 11.69
CA ALA A 204 0.63 4.87 11.86
C ALA A 204 1.19 6.08 12.61
N GLY A 205 0.72 7.25 12.20
CA GLY A 205 1.01 8.48 12.88
C GLY A 205 1.98 9.35 12.11
N ILE A 206 2.72 8.75 11.17
CA ILE A 206 3.78 9.50 10.46
C ILE A 206 3.17 10.31 9.31
N ASP A 207 2.93 11.59 9.58
CA ASP A 207 2.31 12.45 8.59
C ASP A 207 3.06 13.73 8.54
N CYS A 208 3.61 14.05 7.38
CA CYS A 208 4.41 15.24 7.25
C CYS A 208 3.61 16.48 7.54
N SER A 209 2.35 16.51 7.12
CA SER A 209 1.51 17.66 7.35
C SER A 209 1.39 18.04 8.80
N PHE A 210 1.58 17.09 9.70
CA PHE A 210 1.43 17.35 11.12
C PHE A 210 2.77 17.63 11.71
N TRP A 211 3.73 16.78 11.42
CA TRP A 211 5.03 16.93 12.04
C TRP A 211 5.91 17.93 11.34
N ASN A 212 5.58 19.20 11.48
CA ASN A 212 6.40 20.25 10.88
C ASN A 212 6.48 21.49 11.72
N GLU A 213 7.54 22.27 11.55
CA GLU A 213 7.74 23.46 12.30
C GLU A 213 6.68 24.50 11.95
N SER A 214 5.92 24.28 10.87
CA SER A 214 4.86 25.22 10.48
C SER A 214 3.92 25.53 11.67
N TYR A 215 3.63 24.57 12.53
CA TYR A 215 2.64 24.80 13.60
C TYR A 215 3.25 25.49 14.78
N LEU A 216 4.54 25.36 14.94
CA LEU A 216 5.22 25.95 16.06
C LEU A 216 5.38 27.45 15.91
N THR A 217 5.48 28.16 17.01
CA THR A 217 5.59 29.60 16.95
C THR A 217 6.86 30.13 17.58
N GLY A 218 7.54 31.05 16.91
CA GLY A 218 8.73 31.64 17.46
C GLY A 218 10.01 30.93 17.13
N SER A 219 11.11 31.37 17.73
CA SER A 219 12.40 30.74 17.49
C SER A 219 12.50 29.49 18.29
N ARG A 220 13.41 28.61 17.86
CA ARG A 220 13.62 27.34 18.59
C ARG A 220 14.22 27.67 19.96
N ASP A 221 15.19 28.58 19.98
CA ASP A 221 15.88 28.93 21.25
C ASP A 221 14.86 29.53 22.21
N GLU A 222 13.98 30.39 21.70
CA GLU A 222 12.96 31.02 22.56
C GLU A 222 12.02 29.95 23.10
N ARG A 223 11.61 29.01 22.27
CA ARG A 223 10.64 27.97 22.70
C ARG A 223 11.28 27.12 23.80
N LYS A 224 12.56 26.80 23.65
CA LYS A 224 13.26 25.92 24.62
C LYS A 224 13.29 26.59 26.00
N LYS A 225 13.58 27.89 26.04
CA LYS A 225 13.67 28.60 27.34
C LYS A 225 12.31 28.53 28.02
N SER A 226 11.25 28.73 27.26
CA SER A 226 9.89 28.73 27.85
C SER A 226 9.62 27.37 28.46
N LEU A 227 9.99 26.30 27.75
CA LEU A 227 9.72 24.94 28.25
C LEU A 227 10.49 24.75 29.55
N LEU A 228 11.76 25.13 29.56
CA LEU A 228 12.61 24.93 30.74
C LEU A 228 12.13 25.80 31.90
N SER A 229 11.72 27.04 31.63
CA SER A 229 11.27 27.97 32.70
C SER A 229 10.02 27.40 33.37
N LYS A 230 9.15 26.75 32.58
CA LYS A 230 7.92 26.14 33.14
C LYS A 230 8.33 24.95 33.99
N PHE A 231 9.54 24.45 33.76
CA PHE A 231 10.03 23.26 34.49
C PHE A 231 10.95 23.72 35.61
N GLY A 232 11.03 25.03 35.83
CA GLY A 232 11.98 25.56 36.83
C GLY A 232 13.41 25.21 36.47
N MET A 233 13.75 25.32 35.20
CA MET A 233 15.13 25.05 34.76
C MET A 233 15.68 26.21 33.92
N ASP A 234 16.99 26.46 34.02
CA ASP A 234 17.64 27.51 33.21
C ASP A 234 17.97 26.94 31.83
N GLU A 235 18.37 27.79 30.89
CA GLU A 235 18.65 27.31 29.51
C GLU A 235 19.87 26.40 29.49
N GLY A 236 19.76 25.28 28.76
CA GLY A 236 20.88 24.33 28.61
C GLY A 236 20.61 23.35 27.49
N VAL A 237 21.62 22.58 27.08
CA VAL A 237 21.43 21.54 26.04
C VAL A 237 20.34 20.59 26.53
N THR A 238 19.26 20.43 25.76
CA THR A 238 18.11 19.63 26.24
C THR A 238 18.06 18.28 25.52
N PHE A 239 18.06 17.19 26.29
CA PHE A 239 17.99 15.84 25.72
C PHE A 239 16.61 15.29 26.08
N MET A 240 15.94 14.57 25.18
CA MET A 240 14.54 14.13 25.47
C MET A 240 14.38 12.63 25.31
N PHE A 241 13.65 11.99 26.24
CA PHE A 241 13.32 10.56 26.07
C PHE A 241 11.80 10.43 26.08
N ILE A 242 11.22 9.92 24.99
CA ILE A 242 9.76 9.63 25.01
C ILE A 242 9.65 8.14 24.75
N GLY A 243 9.32 7.36 25.78
CA GLY A 243 9.15 5.92 25.58
C GLY A 243 8.53 5.24 26.78
N ARG A 244 8.06 4.01 26.60
CA ARG A 244 7.55 3.24 27.76
C ARG A 244 8.75 2.90 28.65
N PHE A 245 8.55 2.91 29.96
CA PHE A 245 9.64 2.53 30.89
C PHE A 245 9.71 1.01 30.94
N ASP A 246 10.34 0.38 29.93
CA ASP A 246 10.49 -1.10 29.90
C ASP A 246 11.97 -1.47 29.83
N ARG A 247 12.42 -2.39 30.68
CA ARG A 247 13.86 -2.77 30.73
C ARG A 247 14.32 -3.47 29.45
N GLY A 248 13.51 -4.41 28.95
CA GLY A 248 13.93 -5.20 27.78
C GLY A 248 14.06 -4.47 26.46
N GLN A 249 13.13 -3.55 26.13
CA GLN A 249 13.17 -2.96 24.76
C GLN A 249 13.73 -1.54 24.73
N LYS A 250 13.01 -0.57 25.27
CA LYS A 250 13.54 0.81 25.33
C LYS A 250 14.62 0.85 26.40
N GLY A 251 15.56 1.78 26.30
CA GLY A 251 16.67 1.77 27.27
C GLY A 251 16.52 2.80 28.36
N VAL A 252 15.31 3.01 28.88
CA VAL A 252 15.16 3.91 30.05
C VAL A 252 16.20 3.50 31.10
N ASP A 253 16.46 2.21 31.24
CA ASP A 253 17.52 1.78 32.19
C ASP A 253 18.87 2.33 31.73
N VAL A 254 19.21 2.14 30.46
CA VAL A 254 20.51 2.61 29.91
C VAL A 254 20.62 4.11 30.15
N LEU A 255 19.55 4.85 29.88
CA LEU A 255 19.59 6.30 30.03
C LEU A 255 19.75 6.65 31.48
N LEU A 256 19.02 5.97 32.34
CA LEU A 256 19.09 6.38 33.76
C LEU A 256 20.50 6.07 34.29
N LYS A 257 21.15 4.99 33.79
CA LYS A 257 22.54 4.60 34.18
C LYS A 257 23.49 5.74 33.83
N ALA A 258 23.25 6.24 32.61
CA ALA A 258 24.02 7.25 31.92
C ALA A 258 23.96 8.57 32.68
N ILE A 259 22.76 8.95 33.14
CA ILE A 259 22.58 10.17 33.89
C ILE A 259 23.31 10.00 35.24
N GLU A 260 23.33 8.77 35.77
CA GLU A 260 24.10 8.44 36.98
C GLU A 260 25.61 8.63 36.69
N ILE A 261 26.06 8.06 35.57
CA ILE A 261 27.43 8.24 35.16
C ILE A 261 27.73 9.74 35.00
N LEU A 262 26.85 10.48 34.31
CA LEU A 262 27.12 11.90 33.96
C LEU A 262 26.90 12.84 35.16
N SER A 263 26.20 12.39 36.21
CA SER A 263 25.92 13.17 37.40
C SER A 263 27.21 13.56 38.14
N SER A 264 28.28 12.77 37.96
CA SER A 264 29.57 13.01 38.65
C SER A 264 30.40 14.14 38.01
N LYS A 265 30.15 14.45 36.74
CA LYS A 265 31.02 15.40 35.97
C LYS A 265 30.56 16.85 36.05
N LYS A 266 31.39 17.76 35.55
CA LYS A 266 31.08 19.21 35.61
C LYS A 266 30.31 19.58 34.34
N GLU A 267 30.10 18.59 33.48
CA GLU A 267 29.40 18.83 32.20
C GLU A 267 27.90 18.62 32.42
N PHE A 268 27.51 17.98 33.51
CA PHE A 268 26.11 17.67 33.76
C PHE A 268 25.36 18.96 33.86
N GLN A 269 25.98 19.96 34.46
CA GLN A 269 25.33 21.23 34.66
C GLN A 269 25.00 21.93 33.36
N GLU A 270 25.66 21.56 32.28
CA GLU A 270 25.35 22.15 30.96
C GLU A 270 24.14 21.44 30.29
N MET A 271 23.69 20.33 30.85
CA MET A 271 22.62 19.55 30.24
C MET A 271 21.30 19.51 30.95
N ARG A 272 20.23 19.25 30.22
CA ARG A 272 18.91 19.11 30.81
C ARG A 272 18.22 17.87 30.27
N PHE A 273 17.63 17.07 31.15
CA PHE A 273 17.06 15.78 30.68
C PHE A 273 15.58 15.72 30.95
N ILE A 274 14.78 15.45 29.90
CA ILE A 274 13.31 15.30 30.10
C ILE A 274 12.97 13.85 29.76
N ILE A 275 12.47 13.10 30.75
CA ILE A 275 12.13 11.68 30.53
C ILE A 275 10.61 11.58 30.53
N ILE A 276 10.00 11.42 29.35
CA ILE A 276 8.51 11.43 29.24
C ILE A 276 8.01 10.02 28.98
N GLY A 277 7.73 9.25 30.04
CA GLY A 277 7.15 7.91 29.83
C GLY A 277 6.52 7.33 31.08
N LYS A 278 5.73 6.27 30.94
CA LYS A 278 5.16 5.56 32.12
C LYS A 278 5.39 4.06 31.92
N GLY A 279 5.55 3.29 33.00
CA GLY A 279 5.72 1.83 32.88
C GLY A 279 6.02 1.15 34.20
N ASP A 280 7.18 0.48 34.29
CA ASP A 280 7.55 -0.25 35.52
C ASP A 280 7.70 0.75 36.67
N PRO A 281 7.07 0.52 37.83
CA PRO A 281 7.12 1.48 38.94
C PRO A 281 8.54 1.70 39.48
N GLU A 282 9.34 0.64 39.56
CA GLU A 282 10.71 0.76 40.11
C GLU A 282 11.52 1.69 39.20
N LEU A 283 11.38 1.50 37.88
CA LEU A 283 12.09 2.38 36.92
C LEU A 283 11.54 3.80 37.07
N GLU A 284 10.24 3.92 37.29
CA GLU A 284 9.62 5.27 37.42
C GLU A 284 10.23 5.98 38.62
N GLY A 285 10.45 5.26 39.72
CA GLY A 285 11.06 5.85 40.93
C GLY A 285 12.49 6.30 40.73
N TRP A 286 13.30 5.48 40.06
CA TRP A 286 14.71 5.85 39.80
C TRP A 286 14.72 7.20 39.10
N ALA A 287 13.78 7.39 38.17
CA ALA A 287 13.68 8.67 37.45
C ALA A 287 13.33 9.78 38.42
N ARG A 288 12.35 9.53 39.30
CA ARG A 288 11.89 10.58 40.24
C ARG A 288 13.02 10.93 41.21
N SER A 289 13.77 9.92 41.67
CA SER A 289 14.86 10.19 42.64
C SER A 289 15.90 11.09 41.98
N LEU A 290 16.23 10.82 40.72
CA LEU A 290 17.22 11.63 39.99
C LEU A 290 16.68 13.06 39.84
N GLU A 291 15.38 13.19 39.60
CA GLU A 291 14.77 14.53 39.46
C GLU A 291 14.94 15.29 40.79
N GLU A 292 14.75 14.61 41.91
CA GLU A 292 14.91 15.25 43.24
C GLU A 292 16.38 15.61 43.48
N LYS A 293 17.31 14.72 43.12
CA LYS A 293 18.74 14.96 43.45
C LYS A 293 19.34 15.92 42.44
N HIS A 294 18.87 15.87 41.19
CA HIS A 294 19.47 16.69 40.17
C HIS A 294 18.49 17.77 39.69
N GLY A 295 18.88 19.03 39.75
CA GLY A 295 18.02 20.09 39.31
C GLY A 295 17.89 20.23 37.82
N ASN A 296 18.61 19.41 37.08
CA ASN A 296 18.57 19.46 35.63
C ASN A 296 17.76 18.34 35.04
N VAL A 297 16.98 17.67 35.87
CA VAL A 297 16.16 16.57 35.40
C VAL A 297 14.67 16.77 35.55
N LYS A 298 13.92 16.63 34.47
CA LYS A 298 12.48 16.66 34.48
C LYS A 298 12.01 15.27 34.06
N VAL A 299 10.92 14.81 34.69
CA VAL A 299 10.29 13.51 34.43
C VAL A 299 8.81 13.78 34.14
N ILE A 300 8.24 13.06 33.17
CA ILE A 300 6.79 13.21 32.87
C ILE A 300 6.18 11.81 32.75
N THR A 301 5.36 11.41 33.72
CA THR A 301 4.79 10.03 33.73
C THR A 301 3.33 10.05 33.27
N GLU A 302 2.88 11.17 32.71
CA GLU A 302 1.48 11.30 32.25
C GLU A 302 1.41 11.13 30.73
N MET A 303 0.27 10.67 30.20
CA MET A 303 0.07 10.51 28.75
C MET A 303 -0.02 11.92 28.14
N LEU A 304 0.28 12.07 26.84
CA LEU A 304 0.36 13.41 26.16
C LEU A 304 -0.04 13.33 24.68
N SER A 305 -0.55 14.45 24.18
CA SER A 305 -1.03 14.63 22.81
C SER A 305 0.16 14.72 21.86
N ARG A 306 0.00 14.17 20.67
CA ARG A 306 1.06 14.22 19.68
C ARG A 306 1.36 15.70 19.37
N GLU A 307 0.36 16.55 19.62
CA GLU A 307 0.53 18.00 19.54
C GLU A 307 1.65 18.46 20.49
N PHE A 308 1.65 17.95 21.74
CA PHE A 308 2.56 18.47 22.76
C PHE A 308 3.95 17.87 22.58
N VAL A 309 4.03 16.65 22.05
CA VAL A 309 5.37 16.08 21.74
C VAL A 309 5.94 16.77 20.47
N ARG A 310 5.05 17.17 19.53
CA ARG A 310 5.47 17.97 18.39
C ARG A 310 6.17 19.25 18.87
N GLU A 311 5.56 19.96 19.82
CA GLU A 311 6.15 21.21 20.35
C GLU A 311 7.46 20.89 21.05
N LEU A 312 7.46 19.84 21.86
CA LEU A 312 8.68 19.45 22.60
C LEU A 312 9.77 19.11 21.58
N TYR A 313 9.42 18.40 20.52
CA TYR A 313 10.46 17.96 19.56
C TYR A 313 11.11 19.19 18.95
N GLY A 314 10.31 20.20 18.62
CA GLY A 314 10.86 21.45 18.08
C GLY A 314 11.69 22.19 19.11
N SER A 315 11.20 22.28 20.34
CA SER A 315 11.94 22.98 21.42
C SER A 315 13.22 22.26 21.82
N VAL A 316 13.19 20.92 21.93
CA VAL A 316 14.38 20.17 22.45
C VAL A 316 15.51 20.17 21.44
N ASP A 317 16.75 20.07 21.93
CA ASP A 317 17.93 20.07 21.05
C ASP A 317 18.17 18.65 20.55
N PHE A 318 18.05 17.67 21.44
CA PHE A 318 18.33 16.29 21.05
C PHE A 318 17.29 15.35 21.58
N VAL A 319 17.12 14.21 20.89
CA VAL A 319 16.17 13.16 21.34
C VAL A 319 16.98 11.88 21.45
N ILE A 320 16.84 11.17 22.57
CA ILE A 320 17.63 9.93 22.80
C ILE A 320 16.70 8.73 22.59
N ILE A 321 17.10 7.79 21.74
CA ILE A 321 16.31 6.56 21.51
C ILE A 321 17.23 5.38 21.84
N PRO A 322 17.41 5.03 23.12
CA PRO A 322 18.34 3.97 23.50
C PRO A 322 17.61 2.62 23.42
N SER A 323 17.05 2.30 22.26
CA SER A 323 16.21 1.09 22.13
C SER A 323 17.06 -0.15 21.89
N TYR A 324 16.95 -1.14 22.76
CA TYR A 324 17.64 -2.43 22.52
C TYR A 324 17.03 -3.02 21.26
N PHE A 325 15.75 -2.69 21.00
CA PHE A 325 15.06 -3.21 19.81
C PHE A 325 14.06 -2.19 19.27
N GLU A 326 14.34 -1.60 18.11
CA GLU A 326 13.36 -0.68 17.47
C GLU A 326 13.24 -1.07 15.99
N PRO A 327 12.15 -1.75 15.60
CA PRO A 327 11.96 -2.14 14.21
C PRO A 327 11.70 -0.99 13.21
N PHE A 328 10.87 -0.01 13.57
CA PHE A 328 10.49 1.04 12.59
C PHE A 328 11.27 2.34 12.81
N GLY A 329 11.34 2.85 14.04
CA GLY A 329 11.99 4.15 14.28
C GLY A 329 11.07 5.34 14.07
N LEU A 330 9.80 5.19 14.37
CA LEU A 330 8.81 6.29 14.17
C LEU A 330 9.20 7.51 15.00
N VAL A 331 9.65 7.30 16.24
CA VAL A 331 9.95 8.46 17.12
C VAL A 331 11.04 9.30 16.47
N ALA A 332 12.08 8.65 15.93
CA ALA A 332 13.19 9.41 15.34
C ALA A 332 12.71 10.19 14.12
N LEU A 333 11.90 9.57 13.27
CA LEU A 333 11.46 10.25 12.02
C LEU A 333 10.59 11.45 12.37
N GLU A 334 9.70 11.30 13.34
CA GLU A 334 8.82 12.41 13.77
C GLU A 334 9.67 13.53 14.36
N ALA A 335 10.66 13.16 15.16
CA ALA A 335 11.50 14.16 15.85
C ALA A 335 12.39 14.89 14.86
N MET A 336 13.14 14.14 14.07
CA MET A 336 14.09 14.76 13.12
C MET A 336 13.32 15.73 12.22
N CYS A 337 12.05 15.41 11.95
CA CYS A 337 11.22 16.28 11.09
C CYS A 337 11.04 17.65 11.75
N LEU A 338 11.11 17.69 13.08
CA LEU A 338 10.94 18.96 13.82
C LEU A 338 12.30 19.51 14.27
N GLY A 339 13.39 18.92 13.82
CA GLY A 339 14.73 19.46 14.11
C GLY A 339 15.51 18.78 15.22
N ALA A 340 14.86 17.91 15.98
CA ALA A 340 15.56 17.27 17.12
C ALA A 340 16.62 16.33 16.56
N ILE A 341 17.82 16.38 17.11
CA ILE A 341 18.92 15.55 16.56
C ILE A 341 18.91 14.19 17.28
N PRO A 342 18.72 13.04 16.60
CA PRO A 342 18.65 11.75 17.29
C PRO A 342 20.00 11.26 17.79
N ILE A 343 20.01 10.77 19.04
CA ILE A 343 21.12 10.07 19.68
C ILE A 343 20.58 8.67 19.97
N ALA A 344 20.80 7.76 19.02
CA ALA A 344 20.11 6.47 19.15
C ALA A 344 21.01 5.24 19.01
N SER A 345 20.49 4.10 19.45
CA SER A 345 21.23 2.83 19.28
C SER A 345 21.18 2.42 17.81
N ALA A 346 22.23 1.75 17.33
CA ALA A 346 22.27 1.32 15.91
C ALA A 346 21.53 0.00 15.79
N VAL A 347 20.22 0.02 16.00
CA VAL A 347 19.42 -1.23 16.00
C VAL A 347 18.27 -1.11 14.99
N GLY A 348 18.11 -2.08 14.11
CA GLY A 348 16.95 -2.10 13.21
C GLY A 348 16.82 -0.85 12.37
N GLY A 349 15.65 -0.23 12.39
CA GLY A 349 15.39 0.95 11.54
C GLY A 349 16.28 2.11 11.89
N LEU A 350 16.52 2.33 13.17
CA LEU A 350 17.33 3.50 13.61
C LEU A 350 18.59 3.58 12.75
N ARG A 351 19.27 2.45 12.54
CA ARG A 351 20.54 2.42 11.77
C ARG A 351 20.28 2.98 10.36
N ASP A 352 19.30 2.46 9.64
CA ASP A 352 19.11 2.94 8.24
C ASP A 352 18.78 4.43 8.24
N ILE A 353 17.85 4.85 9.09
CA ILE A 353 17.37 6.26 9.13
C ILE A 353 18.48 7.24 9.54
N ILE A 354 19.26 6.90 10.57
CA ILE A 354 20.26 7.87 11.11
C ILE A 354 21.63 7.70 10.46
N THR A 355 22.02 8.65 9.61
CA THR A 355 23.38 8.63 9.02
C THR A 355 24.27 9.52 9.89
N ASN A 356 25.58 9.52 9.60
CA ASN A 356 26.54 10.32 10.40
C ASN A 356 26.15 11.79 10.32
N GLU A 357 25.68 12.24 9.16
CA GLU A 357 25.33 13.66 8.97
C GLU A 357 23.99 13.98 9.64
N THR A 358 23.26 12.97 10.10
CA THR A 358 21.90 13.25 10.65
C THR A 358 21.76 12.86 12.14
N GLY A 359 22.79 12.32 12.77
CA GLY A 359 22.71 12.02 14.19
C GLY A 359 23.88 11.19 14.69
N ILE A 360 23.73 10.69 15.93
CA ILE A 360 24.75 9.93 16.65
C ILE A 360 24.21 8.51 16.85
N LEU A 361 24.99 7.51 16.42
CA LEU A 361 24.65 6.13 16.72
C LEU A 361 25.55 5.69 17.88
N VAL A 362 24.97 4.92 18.79
CA VAL A 362 25.72 4.29 19.82
C VAL A 362 25.39 2.80 19.74
N LYS A 363 26.24 2.00 20.39
CA LYS A 363 25.99 0.60 20.61
C LYS A 363 24.99 0.49 21.78
N ALA A 364 24.01 -0.36 21.61
CA ALA A 364 23.00 -0.51 22.63
C ALA A 364 23.51 -1.24 23.84
N GLY A 365 22.93 -0.95 24.98
CA GLY A 365 23.29 -1.66 26.19
C GLY A 365 24.52 -1.15 26.88
N ASP A 366 25.18 -0.16 26.29
CA ASP A 366 26.33 0.41 26.95
C ASP A 366 25.97 1.80 27.44
N PRO A 367 25.76 1.92 28.74
CA PRO A 367 25.44 3.21 29.33
C PRO A 367 26.58 4.18 29.15
N GLY A 368 27.81 3.71 29.28
CA GLY A 368 28.95 4.56 29.14
C GLY A 368 29.03 5.12 27.75
N GLU A 369 28.72 4.29 26.77
CA GLU A 369 28.73 4.76 25.40
C GLU A 369 27.68 5.82 25.16
N LEU A 370 26.50 5.62 25.73
CA LEU A 370 25.46 6.61 25.56
C LEU A 370 25.92 7.89 26.19
N ALA A 371 26.54 7.79 27.34
CA ALA A 371 26.95 8.98 28.06
C ALA A 371 27.93 9.75 27.23
N ASN A 372 28.82 9.04 26.58
CA ASN A 372 29.85 9.69 25.78
C ASN A 372 29.25 10.45 24.60
N ALA A 373 28.21 9.92 24.00
CA ALA A 373 27.55 10.62 22.91
C ALA A 373 26.89 11.85 23.45
N ILE A 374 26.25 11.74 24.59
CA ILE A 374 25.63 12.88 25.24
C ILE A 374 26.67 13.97 25.49
N LEU A 375 27.90 13.56 25.77
CA LEU A 375 28.97 14.51 25.98
C LEU A 375 29.39 15.07 24.65
N LYS A 376 29.39 14.24 23.63
CA LYS A 376 29.73 14.73 22.31
C LYS A 376 28.75 15.75 21.85
N ALA A 377 27.48 15.47 22.03
CA ALA A 377 26.45 16.37 21.58
C ALA A 377 26.64 17.65 22.29
N LEU A 378 26.97 17.55 23.56
CA LEU A 378 27.23 18.74 24.39
C LEU A 378 28.29 19.64 23.74
N GLU A 379 29.40 19.02 23.32
CA GLU A 379 30.42 19.74 22.61
C GLU A 379 29.87 20.25 21.26
N LEU A 380 29.13 19.41 20.54
CA LEU A 380 28.61 19.78 19.19
C LEU A 380 27.67 20.96 19.34
N SER A 381 26.97 20.97 20.49
CA SER A 381 25.95 21.96 20.78
C SER A 381 26.60 23.35 20.86
N ARG A 382 27.85 23.40 21.27
CA ARG A 382 28.51 24.67 21.40
C ARG A 382 28.56 25.35 20.06
N SER A 383 28.87 24.59 19.02
CA SER A 383 28.86 25.13 17.68
C SER A 383 27.43 25.14 17.18
N ASP A 384 27.17 25.83 16.08
CA ASP A 384 25.83 25.80 15.52
C ASP A 384 25.48 24.42 15.03
N LEU A 385 24.23 24.02 15.26
CA LEU A 385 23.76 22.69 14.80
C LEU A 385 22.63 22.89 13.80
N SER A 386 22.44 24.12 13.31
CA SER A 386 21.29 24.42 12.42
C SER A 386 21.38 23.59 11.15
N LYS A 387 22.58 23.43 10.61
CA LYS A 387 22.76 22.66 9.36
C LYS A 387 22.37 21.20 9.60
N PHE A 388 22.76 20.64 10.74
CA PHE A 388 22.46 19.22 11.06
C PHE A 388 20.93 19.09 11.14
N ARG A 389 20.28 20.07 11.74
CA ARG A 389 18.81 19.99 11.91
C ARG A 389 18.14 19.99 10.54
N GLU A 390 18.60 20.84 9.64
CA GLU A 390 17.98 20.92 8.29
C GLU A 390 18.21 19.59 7.57
N ASN A 391 19.40 19.03 7.72
CA ASN A 391 19.68 17.71 7.09
C ASN A 391 18.71 16.70 7.68
N CYS A 392 18.51 16.72 9.00
CA CYS A 392 17.63 15.78 9.64
C CYS A 392 16.24 15.91 9.06
N LYS A 393 15.68 17.11 9.10
CA LYS A 393 14.32 17.29 8.60
C LYS A 393 14.21 16.65 7.20
N LYS A 394 15.21 16.86 6.35
CA LYS A 394 15.12 16.52 4.96
C LYS A 394 15.15 15.00 4.83
N ARG A 395 16.15 14.34 5.42
CA ARG A 395 16.21 12.83 5.41
C ARG A 395 14.88 12.20 5.85
N ALA A 396 14.27 12.75 6.90
CA ALA A 396 13.06 12.21 7.48
C ALA A 396 11.82 12.54 6.62
N MET A 397 11.81 13.70 5.98
CA MET A 397 10.64 13.98 5.09
C MET A 397 10.79 13.16 3.81
N SER A 398 12.02 12.80 3.43
CA SER A 398 12.22 11.92 2.25
C SER A 398 11.63 10.54 2.51
N PHE A 399 11.88 9.98 3.70
CA PHE A 399 11.39 8.62 4.02
C PHE A 399 9.89 8.68 4.21
N SER A 400 9.43 9.71 4.91
CA SER A 400 8.02 9.84 5.25
C SER A 400 7.14 9.97 4.00
N LYS A 401 7.69 10.53 2.93
CA LYS A 401 7.02 10.54 1.64
C LYS A 401 6.94 9.11 1.08
N GLN A 402 8.03 8.34 1.09
CA GLN A 402 7.95 6.96 0.55
C GLN A 402 6.99 6.10 1.42
N ILE A 403 7.15 6.20 2.74
CA ILE A 403 6.22 5.47 3.65
C ILE A 403 4.79 5.85 3.26
N GLU A 404 4.52 7.14 3.13
CA GLU A 404 3.14 7.59 2.85
C GLU A 404 2.72 7.12 1.44
N SER A 405 3.59 7.31 0.45
CA SER A 405 3.19 6.97 -0.94
C SER A 405 2.91 5.46 -1.03
N GLU A 406 3.71 4.65 -0.35
CA GLU A 406 3.53 3.18 -0.46
C GLU A 406 2.27 2.75 0.28
N LYS A 407 1.92 3.42 1.36
CA LYS A 407 0.64 3.10 2.06
C LYS A 407 -0.51 3.39 1.11
N ARG A 408 -0.43 4.49 0.38
CA ARG A 408 -1.51 4.83 -0.58
C ARG A 408 -1.57 3.72 -1.62
N LEU A 409 -0.42 3.25 -2.09
CA LEU A 409 -0.42 2.24 -3.17
C LEU A 409 -1.08 0.96 -2.66
N ALA A 410 -0.82 0.60 -1.41
CA ALA A 410 -1.42 -0.62 -0.84
C ALA A 410 -2.94 -0.50 -0.80
N LYS A 411 -3.45 0.65 -0.39
CA LYS A 411 -4.92 0.87 -0.35
C LYS A 411 -5.48 0.83 -1.76
N THR A 412 -4.78 1.44 -2.71
CA THR A 412 -5.26 1.50 -4.11
C THR A 412 -5.35 0.09 -4.67
N VAL A 413 -4.32 -0.73 -4.43
CA VAL A 413 -4.32 -2.12 -4.93
C VAL A 413 -5.51 -2.84 -4.30
N LEU A 414 -5.76 -2.58 -3.02
CA LEU A 414 -6.86 -3.29 -2.32
C LEU A 414 -8.20 -2.77 -2.86
N VAL A 415 -8.29 -1.49 -3.20
CA VAL A 415 -9.52 -1.02 -3.82
C VAL A 415 -9.77 -1.88 -5.07
N PHE A 416 -8.75 -1.97 -5.92
CA PHE A 416 -8.86 -2.68 -7.16
C PHE A 416 -9.34 -4.10 -6.85
N VAL A 417 -8.78 -4.72 -5.83
CA VAL A 417 -9.13 -6.10 -5.52
C VAL A 417 -10.57 -6.18 -5.12
N GLY A 418 -11.04 -5.21 -4.38
CA GLY A 418 -12.41 -5.27 -3.91
C GLY A 418 -13.40 -5.24 -5.02
N LEU A 419 -13.17 -4.36 -5.98
CA LEU A 419 -14.08 -4.24 -7.09
C LEU A 419 -14.09 -5.56 -7.79
N PHE A 420 -12.94 -6.15 -7.95
CA PHE A 420 -12.87 -7.41 -8.63
C PHE A 420 -13.60 -8.49 -7.90
N ALA A 421 -13.40 -8.60 -6.60
CA ALA A 421 -14.04 -9.65 -5.86
C ALA A 421 -15.53 -9.54 -6.02
N PHE A 422 -16.05 -8.36 -5.81
CA PHE A 422 -17.47 -8.13 -5.94
C PHE A 422 -18.00 -8.34 -7.33
N CYS A 423 -17.30 -7.83 -8.33
CA CYS A 423 -17.83 -7.90 -9.68
C CYS A 423 -17.66 -9.25 -10.34
N TRP A 424 -16.89 -10.16 -9.74
CA TRP A 424 -16.63 -11.44 -10.44
C TRP A 424 -17.16 -12.66 -9.68
N LEU A 425 -17.56 -12.48 -8.42
CA LEU A 425 -18.17 -13.62 -7.71
C LEU A 425 -19.46 -14.06 -8.42
N PRO A 426 -20.39 -13.16 -8.82
CA PRO A 426 -21.64 -13.61 -9.42
C PRO A 426 -21.36 -14.42 -10.69
N ASN A 427 -20.40 -13.97 -11.50
CA ASN A 427 -20.13 -14.67 -12.78
C ASN A 427 -19.69 -16.09 -12.47
N HIS A 428 -18.87 -16.26 -11.43
CA HIS A 428 -18.35 -17.62 -11.10
C HIS A 428 -19.49 -18.53 -10.67
N VAL A 429 -20.43 -18.02 -9.86
CA VAL A 429 -21.53 -18.88 -9.34
C VAL A 429 -22.39 -19.34 -10.52
N ILE A 430 -22.72 -18.42 -11.43
CA ILE A 430 -23.58 -18.76 -12.60
C ILE A 430 -22.84 -19.79 -13.44
N TYR A 431 -21.53 -19.60 -13.62
CA TYR A 431 -20.77 -20.52 -14.49
C TYR A 431 -20.79 -21.92 -13.89
N LEU A 432 -20.69 -22.02 -12.56
CA LEU A 432 -20.62 -23.35 -11.98
C LEU A 432 -21.94 -24.04 -12.10
N TYR A 433 -23.02 -23.35 -11.77
CA TYR A 433 -24.32 -23.98 -11.78
C TYR A 433 -24.62 -24.43 -13.17
N ARG A 434 -24.36 -23.55 -14.13
CA ARG A 434 -24.63 -23.88 -15.55
C ARG A 434 -23.87 -25.15 -15.91
N SER A 435 -22.71 -25.38 -15.30
CA SER A 435 -21.89 -26.55 -15.67
C SER A 435 -22.62 -27.86 -15.40
N TYR A 436 -23.51 -27.87 -14.41
CA TYR A 436 -24.21 -29.11 -14.05
C TYR A 436 -25.61 -29.10 -14.60
N HIS A 437 -26.15 -27.92 -14.84
CA HIS A 437 -27.55 -27.81 -15.36
C HIS A 437 -27.71 -27.24 -16.77
N TYR A 438 -26.71 -27.43 -17.63
CA TYR A 438 -26.79 -26.86 -19.00
C TYR A 438 -27.82 -27.62 -19.80
N SER A 439 -27.89 -28.94 -19.62
CA SER A 439 -28.82 -29.77 -20.44
C SER A 439 -30.24 -29.28 -20.17
N GLU A 440 -30.52 -28.99 -18.90
CA GLU A 440 -31.85 -28.42 -18.54
C GLU A 440 -31.90 -27.00 -19.10
N VAL A 441 -33.06 -26.56 -19.59
CA VAL A 441 -33.18 -25.17 -20.07
C VAL A 441 -33.82 -24.35 -18.95
N ASP A 442 -33.14 -23.29 -18.51
CA ASP A 442 -33.67 -22.45 -17.42
C ASP A 442 -34.19 -21.15 -18.03
N THR A 443 -35.50 -20.93 -17.95
CA THR A 443 -36.11 -19.69 -18.50
C THR A 443 -36.62 -18.83 -17.34
N SER A 444 -36.24 -19.17 -16.11
CA SER A 444 -36.74 -18.42 -14.93
C SER A 444 -36.26 -16.96 -14.99
N MET A 445 -37.12 -16.01 -14.63
CA MET A 445 -36.74 -14.58 -14.75
C MET A 445 -35.55 -14.30 -13.83
N LEU A 446 -35.49 -15.01 -12.70
CA LEU A 446 -34.35 -14.84 -11.77
C LEU A 446 -33.07 -15.14 -12.53
N HIS A 447 -33.08 -16.19 -13.36
CA HIS A 447 -31.84 -16.58 -14.07
C HIS A 447 -31.39 -15.41 -14.96
N PHE A 448 -32.34 -14.79 -15.66
CA PHE A 448 -31.97 -13.67 -16.57
C PHE A 448 -31.40 -12.54 -15.72
N VAL A 449 -32.03 -12.28 -14.57
CA VAL A 449 -31.56 -11.18 -13.70
C VAL A 449 -30.17 -11.54 -13.21
N THR A 450 -29.95 -12.80 -12.81
CA THR A 450 -28.64 -13.21 -12.24
C THR A 450 -27.58 -13.02 -13.32
N SER A 451 -27.94 -13.26 -14.58
CA SER A 451 -26.96 -13.16 -15.67
C SER A 451 -26.80 -11.73 -16.17
N ILE A 452 -27.90 -11.02 -16.43
CA ILE A 452 -27.74 -9.73 -17.08
C ILE A 452 -26.94 -8.81 -16.20
N CYS A 453 -27.01 -9.04 -14.90
CA CYS A 453 -26.30 -8.14 -13.98
C CYS A 453 -24.81 -8.55 -13.92
N ALA A 454 -24.53 -9.82 -13.74
CA ALA A 454 -23.15 -10.25 -13.70
C ALA A 454 -22.34 -9.72 -14.87
N ARG A 455 -22.87 -9.85 -16.07
CA ARG A 455 -22.15 -9.43 -17.29
C ARG A 455 -21.85 -7.94 -17.22
N LEU A 456 -22.78 -7.17 -16.67
CA LEU A 456 -22.59 -5.70 -16.65
C LEU A 456 -21.65 -5.35 -15.50
N LEU A 457 -21.70 -6.11 -14.42
CA LEU A 457 -20.76 -5.86 -13.29
C LEU A 457 -19.34 -6.13 -13.76
N ALA A 458 -19.13 -7.24 -14.47
CA ALA A 458 -17.77 -7.58 -14.94
C ALA A 458 -17.28 -6.52 -15.92
N PHE A 459 -18.16 -6.10 -16.83
CA PHE A 459 -17.80 -5.07 -17.84
C PHE A 459 -17.48 -3.78 -17.11
N THR A 460 -18.19 -3.52 -16.02
CA THR A 460 -17.95 -2.30 -15.21
C THR A 460 -16.53 -2.35 -14.64
N ASN A 461 -16.09 -3.53 -14.20
CA ASN A 461 -14.76 -3.61 -13.53
C ASN A 461 -13.70 -3.15 -14.52
N SER A 462 -13.84 -3.54 -15.78
CA SER A 462 -12.81 -3.19 -16.78
C SER A 462 -12.69 -1.67 -16.94
N CYS A 463 -13.83 -0.97 -17.03
CA CYS A 463 -13.83 0.51 -17.15
C CYS A 463 -13.43 1.23 -15.86
N VAL A 464 -13.85 0.73 -14.70
CA VAL A 464 -13.66 1.50 -13.43
C VAL A 464 -12.22 1.55 -12.95
N ASN A 465 -11.39 0.56 -13.26
CA ASN A 465 -10.04 0.54 -12.64
C ASN A 465 -9.26 1.82 -12.96
N PRO A 466 -9.24 2.37 -14.19
CA PRO A 466 -8.57 3.64 -14.43
C PRO A 466 -9.25 4.80 -13.69
N PHE A 467 -10.58 4.90 -13.78
CA PHE A 467 -11.35 5.94 -13.11
C PHE A 467 -11.19 5.84 -11.59
N ALA A 468 -11.23 4.62 -11.08
CA ALA A 468 -10.90 4.33 -9.72
C ALA A 468 -9.54 4.93 -9.37
N LEU A 469 -8.56 4.69 -10.26
CA LEU A 469 -7.18 5.04 -9.99
C LEU A 469 -7.07 6.55 -9.96
N TYR A 470 -7.92 7.19 -10.79
CA TYR A 470 -8.06 8.63 -11.02
C TYR A 470 -8.43 9.39 -9.73
N LEU A 471 -9.17 8.72 -8.83
CA LEU A 471 -9.67 9.29 -7.55
C LEU A 471 -8.74 8.98 -6.36
N LEU A 472 -7.90 7.95 -6.49
CA LEU A 472 -7.06 7.55 -5.33
C LEU A 472 -5.67 8.16 -5.45
N SER A 473 -5.26 8.54 -6.66
CA SER A 473 -3.90 9.10 -6.85
C SER A 473 -3.98 10.56 -7.27
N LYS A 474 -3.38 11.46 -6.50
CA LYS A 474 -3.33 12.88 -6.88
C LYS A 474 -2.45 13.02 -8.13
N SER A 475 -1.32 12.31 -8.16
CA SER A 475 -0.37 12.44 -9.29
C SER A 475 -0.99 11.98 -10.61
N PHE A 476 -1.66 10.82 -10.60
CA PHE A 476 -2.24 10.26 -11.84
C PHE A 476 -3.33 11.21 -12.33
N ARG A 477 -4.09 11.76 -11.41
CA ARG A 477 -5.24 12.61 -11.81
C ARG A 477 -4.70 13.80 -12.59
N LYS A 478 -3.62 14.41 -12.11
CA LYS A 478 -3.13 15.64 -12.79
C LYS A 478 -2.69 15.29 -14.21
N GLN A 479 -2.00 14.18 -14.40
CA GLN A 479 -1.49 13.83 -15.76
C GLN A 479 -2.66 13.45 -16.64
N PHE A 480 -3.66 12.76 -16.08
CA PHE A 480 -4.85 12.36 -16.86
C PHE A 480 -5.57 13.62 -17.32
N ASN A 481 -5.61 14.62 -16.43
CA ASN A 481 -6.29 15.90 -16.77
C ASN A 481 -5.55 16.51 -17.95
N THR A 482 -4.22 16.47 -17.92
CA THR A 482 -3.45 17.15 -18.98
C THR A 482 -3.80 16.53 -20.33
N GLN A 483 -3.88 15.21 -20.41
CA GLN A 483 -4.13 14.57 -21.74
C GLN A 483 -5.51 14.97 -22.25
N LEU A 484 -6.51 14.93 -21.38
CA LEU A 484 -7.89 15.30 -21.79
C LEU A 484 -7.97 16.79 -22.11
#